data_8QCW
#
_entry.id   8QCW
#
_cell.length_a   55.318
_cell.length_b   69.323
_cell.length_c   99.641
_cell.angle_alpha   90.00
_cell.angle_beta   90.00
_cell.angle_gamma   90.00
#
_symmetry.space_group_name_H-M   'P 21 21 21'
#
loop_
_entity.id
_entity.type
_entity.pdbx_description
1 polymer 'non-specific serine/threonine protein kinase'
2 water water
#
_entity_poly.entity_id   1
_entity_poly.type   'polypeptide(L)'
_entity_poly.pdbx_seq_one_letter_code
;MNMMRRLKSIASGRTSISSDPGGDSNSKRAKLDQETEKKVNEETKTLGGKDQEQHVDASKESTVGTSDVSTVAKTEKSGF
DELPKELHEMKIKDEKSKNNNEKDIEASIVSGNGTETGQIITTAIGGRDGQPKQTISYMAERVVGTGSFGVVFQAKCLET
GEAVAIKKVLQDKRYKNRELQVMRTVDHPNIVKLKHCFFSTTDKDELYLNLVLEFVPETVYKVSKQYIRVHQHMPIIYVQ
LYIYQICRALNYLHQVIGVCHRDIKPQNLLVNPQTHQLKICDFGSAKMLVPGEPNIS(PTR)ICSRYYRAPELIFGATEY
TTAIDMWSVGCVLAELLLGHPLFPGESGVDQLVEIIKVLGTPTREEIRCMNPHYNEFKFPQIKAHPWHKVFYKRMPPEAV
DLVSRLLQYSPNLRCTALAACAHPFFNDLRDPNASLPNGQPLPPLFNFTPEELAHAPDELRLRLIPEHRS
;
_entity_poly.pdbx_strand_id   A
#
# COMPACT_ATOMS: atom_id res chain seq x y z
N ASN A 101 -7.73 -17.52 -23.39
CA ASN A 101 -6.58 -16.65 -23.74
C ASN A 101 -5.49 -16.85 -22.69
N GLU A 102 -5.44 -15.95 -21.68
CA GLU A 102 -4.59 -16.07 -20.51
C GLU A 102 -3.11 -16.07 -20.91
N LYS A 103 -2.65 -17.16 -21.52
CA LYS A 103 -1.27 -17.34 -21.96
C LYS A 103 -0.33 -17.37 -20.74
N ASP A 104 -0.80 -18.00 -19.66
CA ASP A 104 0.07 -18.39 -18.56
C ASP A 104 0.46 -19.84 -18.78
N ILE A 105 1.57 -20.26 -18.15
CA ILE A 105 2.34 -21.40 -18.60
C ILE A 105 2.57 -22.36 -17.44
N GLU A 106 3.15 -23.53 -17.75
CA GLU A 106 3.41 -24.56 -16.76
C GLU A 106 4.81 -24.35 -16.18
N ALA A 107 5.05 -24.97 -15.02
CA ALA A 107 6.37 -25.06 -14.43
C ALA A 107 6.78 -26.53 -14.34
N SER A 108 8.08 -26.76 -14.14
CA SER A 108 8.59 -28.09 -13.80
C SER A 108 9.46 -27.95 -12.55
N ILE A 109 9.37 -28.93 -11.64
CA ILE A 109 9.99 -28.81 -10.32
C ILE A 109 11.11 -29.85 -10.19
N VAL A 110 12.18 -29.46 -9.48
CA VAL A 110 13.28 -30.33 -9.12
C VAL A 110 13.54 -30.17 -7.62
N SER A 111 13.27 -31.23 -6.85
CA SER A 111 13.17 -31.13 -5.39
C SER A 111 13.86 -32.29 -4.70
N GLY A 112 14.03 -32.15 -3.37
CA GLY A 112 14.56 -33.21 -2.53
C GLY A 112 15.55 -32.70 -1.47
N ASN A 113 15.19 -31.60 -0.80
CA ASN A 113 15.89 -31.07 0.37
C ASN A 113 17.27 -30.50 0.01
N GLY A 114 17.93 -31.08 -1.00
CA GLY A 114 19.20 -30.56 -1.48
C GLY A 114 19.04 -29.24 -2.23
N THR A 115 18.09 -29.21 -3.18
CA THR A 115 17.78 -28.02 -3.96
C THR A 115 16.27 -27.95 -4.19
N GLU A 116 15.80 -26.79 -4.68
CA GLU A 116 14.38 -26.56 -4.93
C GLU A 116 14.23 -25.60 -6.11
N THR A 117 14.20 -26.17 -7.33
CA THR A 117 14.27 -25.39 -8.56
C THR A 117 12.95 -25.48 -9.33
N GLY A 118 12.57 -24.38 -9.98
CA GLY A 118 11.44 -24.33 -10.89
C GLY A 118 11.84 -23.77 -12.25
N GLN A 119 11.47 -24.46 -13.33
CA GLN A 119 11.89 -24.11 -14.69
C GLN A 119 10.72 -23.54 -15.48
N ILE A 120 10.99 -22.55 -16.33
CA ILE A 120 9.98 -21.68 -16.93
C ILE A 120 10.48 -21.20 -18.30
N ILE A 121 9.57 -20.61 -19.09
CA ILE A 121 9.77 -20.37 -20.52
C ILE A 121 10.11 -18.91 -20.83
N THR A 122 10.07 -18.02 -19.84
CA THR A 122 10.05 -16.58 -20.04
C THR A 122 8.85 -16.23 -20.95
N THR A 123 9.04 -15.38 -21.96
CA THR A 123 7.94 -15.01 -22.85
C THR A 123 8.41 -15.12 -24.31
N ALA A 124 7.50 -14.88 -25.25
CA ALA A 124 7.82 -14.77 -26.66
C ALA A 124 6.67 -14.07 -27.40
N GLN A 131 10.53 -14.04 -29.88
CA GLN A 131 9.72 -15.00 -30.68
C GLN A 131 10.06 -16.44 -30.27
N PRO A 132 11.34 -16.82 -30.09
CA PRO A 132 11.68 -18.09 -29.44
C PRO A 132 11.75 -17.94 -27.92
N LYS A 133 11.03 -18.82 -27.21
CA LYS A 133 11.03 -18.82 -25.76
C LYS A 133 12.37 -19.34 -25.24
N GLN A 134 12.69 -19.00 -23.99
CA GLN A 134 13.98 -19.32 -23.41
C GLN A 134 13.80 -19.89 -22.01
N THR A 135 14.71 -20.76 -21.59
CA THR A 135 14.66 -21.36 -20.27
C THR A 135 14.99 -20.29 -19.23
N ILE A 136 14.13 -20.19 -18.20
CA ILE A 136 14.44 -19.41 -17.02
C ILE A 136 14.06 -20.23 -15.79
N SER A 137 14.95 -20.22 -14.79
CA SER A 137 14.79 -21.06 -13.61
C SER A 137 14.92 -20.22 -12.34
N TYR A 138 14.38 -20.75 -11.24
CA TYR A 138 14.48 -20.11 -9.93
C TYR A 138 14.75 -21.17 -8.87
N MET A 139 15.80 -20.97 -8.07
CA MET A 139 15.93 -21.69 -6.81
C MET A 139 15.07 -20.99 -5.77
N ALA A 140 14.08 -21.71 -5.23
CA ALA A 140 13.21 -21.16 -4.19
C ALA A 140 13.98 -21.14 -2.87
N GLU A 141 13.59 -20.22 -1.98
CA GLU A 141 14.15 -20.15 -0.64
C GLU A 141 13.36 -19.15 0.20
N ARG A 142 13.32 -19.38 1.52
CA ARG A 142 12.95 -18.38 2.51
C ARG A 142 11.61 -17.74 2.18
N VAL A 143 10.55 -18.21 2.85
CA VAL A 143 9.26 -17.54 2.81
C VAL A 143 9.36 -16.25 3.63
N VAL A 144 8.75 -15.17 3.11
CA VAL A 144 8.90 -13.85 3.71
C VAL A 144 7.52 -13.21 3.93
N GLY A 145 6.49 -14.04 4.07
CA GLY A 145 5.12 -13.55 4.22
C GLY A 145 4.12 -14.57 3.69
N THR A 146 2.84 -14.39 4.08
CA THR A 146 1.78 -15.31 3.67
C THR A 146 0.62 -14.53 3.08
N GLY A 147 -0.45 -14.35 3.88
CA GLY A 147 -1.73 -13.89 3.38
C GLY A 147 -2.74 -15.04 3.33
N SER A 148 -4.03 -14.67 3.17
CA SER A 148 -5.12 -15.63 3.21
C SER A 148 -5.07 -16.58 2.02
N PHE A 149 -4.55 -16.09 0.89
CA PHE A 149 -4.38 -16.91 -0.29
C PHE A 149 -2.96 -16.75 -0.81
N GLY A 150 -2.07 -17.64 -0.35
CA GLY A 150 -0.74 -17.79 -0.90
C GLY A 150 0.36 -17.40 0.07
N VAL A 151 1.61 -17.47 -0.41
CA VAL A 151 2.80 -17.07 0.34
C VAL A 151 3.77 -16.37 -0.61
N VAL A 152 4.51 -15.39 -0.07
CA VAL A 152 5.60 -14.76 -0.80
C VAL A 152 6.89 -15.43 -0.34
N PHE A 153 7.69 -15.91 -1.30
CA PHE A 153 8.98 -16.52 -1.00
C PHE A 153 10.05 -15.94 -1.91
N GLN A 154 11.26 -15.82 -1.36
CA GLN A 154 12.43 -15.40 -2.10
C GLN A 154 12.81 -16.46 -3.13
N ALA A 155 13.53 -16.04 -4.17
CA ALA A 155 14.09 -16.97 -5.13
C ALA A 155 15.30 -16.34 -5.82
N LYS A 156 16.20 -17.20 -6.31
CA LYS A 156 17.33 -16.77 -7.10
C LYS A 156 17.11 -17.21 -8.55
N CYS A 157 17.04 -16.24 -9.47
CA CYS A 157 16.97 -16.53 -10.89
C CYS A 157 18.30 -17.11 -11.34
N LEU A 158 18.31 -18.42 -11.62
CA LEU A 158 19.55 -19.18 -11.81
C LEU A 158 20.28 -18.71 -13.06
N GLU A 159 19.53 -18.22 -14.06
CA GLU A 159 20.12 -17.76 -15.31
C GLU A 159 20.84 -16.43 -15.07
N THR A 160 20.11 -15.42 -14.60
CA THR A 160 20.63 -14.07 -14.47
C THR A 160 21.50 -13.96 -13.21
N GLY A 161 20.91 -14.34 -12.07
CA GLY A 161 21.55 -14.16 -10.77
C GLY A 161 20.65 -13.34 -9.84
N GLU A 162 19.91 -12.39 -10.44
CA GLU A 162 18.94 -11.57 -9.75
C GLU A 162 18.12 -12.39 -8.76
N ALA A 163 18.10 -11.94 -7.51
CA ALA A 163 17.11 -12.40 -6.54
C ALA A 163 15.76 -11.80 -6.89
N VAL A 164 14.68 -12.57 -6.65
CA VAL A 164 13.33 -12.11 -6.94
C VAL A 164 12.42 -12.55 -5.79
N ALA A 165 11.21 -11.97 -5.78
CA ALA A 165 10.20 -12.30 -4.79
C ALA A 165 8.99 -12.89 -5.51
N ILE A 166 8.76 -14.20 -5.33
CA ILE A 166 7.70 -14.92 -6.02
C ILE A 166 6.50 -15.06 -5.08
N LYS A 167 5.37 -14.48 -5.48
CA LYS A 167 4.13 -14.61 -4.74
C LYS A 167 3.35 -15.80 -5.29
N LYS A 168 3.37 -16.91 -4.54
CA LYS A 168 2.60 -18.09 -4.89
C LYS A 168 1.17 -17.92 -4.39
N VAL A 169 0.22 -17.76 -5.31
CA VAL A 169 -1.18 -17.57 -4.97
C VAL A 169 -1.93 -18.88 -5.18
N LEU A 170 -2.68 -19.30 -4.15
CA LEU A 170 -3.50 -20.49 -4.22
C LEU A 170 -4.77 -20.16 -5.01
N GLN A 171 -4.99 -20.87 -6.13
CA GLN A 171 -6.10 -20.61 -7.02
C GLN A 171 -7.39 -21.20 -6.46
N ASP A 172 -8.05 -20.43 -5.58
CA ASP A 172 -9.34 -20.80 -5.02
C ASP A 172 -10.37 -19.82 -5.55
N LYS A 173 -11.41 -20.35 -6.21
CA LYS A 173 -12.36 -19.55 -6.99
C LYS A 173 -12.85 -18.38 -6.12
N ARG A 174 -13.47 -18.70 -4.98
CA ARG A 174 -13.77 -17.75 -3.93
C ARG A 174 -14.28 -16.42 -4.52
N TYR A 175 -13.37 -15.44 -4.65
CA TYR A 175 -13.71 -14.12 -5.15
C TYR A 175 -12.68 -13.68 -6.18
N LYS A 176 -12.77 -12.40 -6.57
CA LYS A 176 -12.07 -11.85 -7.73
C LYS A 176 -10.56 -12.01 -7.63
N ASN A 177 -9.93 -12.16 -8.81
CA ASN A 177 -8.48 -12.12 -8.95
C ASN A 177 -8.05 -10.66 -9.10
N ARG A 178 -8.14 -10.13 -10.32
CA ARG A 178 -7.80 -8.76 -10.66
C ARG A 178 -6.34 -8.42 -10.33
N GLU A 179 -5.68 -9.22 -9.50
CA GLU A 179 -4.32 -8.95 -9.08
C GLU A 179 -3.38 -8.95 -10.28
N LEU A 180 -3.45 -10.01 -11.09
CA LEU A 180 -2.61 -10.16 -12.27
C LEU A 180 -2.99 -9.09 -13.30
N GLN A 181 -4.29 -8.83 -13.46
CA GLN A 181 -4.77 -7.84 -14.41
C GLN A 181 -4.08 -6.51 -14.15
N VAL A 182 -4.07 -6.08 -12.88
CA VAL A 182 -3.47 -4.82 -12.46
C VAL A 182 -1.96 -4.87 -12.68
N MET A 183 -1.34 -5.93 -12.15
CA MET A 183 0.11 -6.11 -12.17
C MET A 183 0.69 -5.98 -13.57
N ARG A 184 -0.01 -6.57 -14.57
CA ARG A 184 0.45 -6.54 -15.95
C ARG A 184 0.55 -5.11 -16.47
N THR A 185 -0.40 -4.25 -16.04
CA THR A 185 -0.62 -2.98 -16.70
C THR A 185 -0.16 -1.80 -15.85
N VAL A 186 0.71 -2.04 -14.86
CA VAL A 186 1.19 -0.97 -14.00
C VAL A 186 2.69 -0.78 -14.25
N ASP A 187 3.10 0.49 -14.34
CA ASP A 187 4.48 0.86 -14.59
C ASP A 187 4.76 2.20 -13.90
N HIS A 188 5.31 2.14 -12.68
CA HIS A 188 5.59 3.31 -11.88
C HIS A 188 6.70 3.00 -10.88
N PRO A 189 7.62 3.96 -10.57
CA PRO A 189 8.73 3.70 -9.65
C PRO A 189 8.35 3.22 -8.25
N ASN A 190 7.11 3.50 -7.83
CA ASN A 190 6.68 3.25 -6.45
C ASN A 190 5.58 2.19 -6.42
N ILE A 191 5.50 1.39 -7.48
CA ILE A 191 4.74 0.15 -7.48
C ILE A 191 5.67 -0.95 -7.99
N VAL A 192 5.47 -2.19 -7.51
CA VAL A 192 6.39 -3.28 -7.77
C VAL A 192 6.26 -3.73 -9.22
N LYS A 193 7.40 -4.10 -9.82
CA LYS A 193 7.44 -4.54 -11.20
C LYS A 193 7.19 -6.05 -11.24
N LEU A 194 6.19 -6.44 -12.03
CA LEU A 194 5.97 -7.84 -12.38
C LEU A 194 6.98 -8.22 -13.46
N LYS A 195 7.63 -9.38 -13.28
CA LYS A 195 8.66 -9.84 -14.19
C LYS A 195 8.15 -11.02 -15.00
N HIS A 196 7.50 -11.97 -14.32
CA HIS A 196 6.99 -13.17 -14.95
C HIS A 196 5.86 -13.74 -14.11
N CYS A 197 5.03 -14.58 -14.72
CA CYS A 197 4.01 -15.35 -14.01
C CYS A 197 3.88 -16.74 -14.63
N PHE A 198 3.53 -17.72 -13.78
CA PHE A 198 3.44 -19.11 -14.22
C PHE A 198 2.65 -19.93 -13.21
N PHE A 199 2.42 -21.20 -13.55
CA PHE A 199 1.69 -22.12 -12.69
C PHE A 199 2.64 -23.11 -12.03
N SER A 200 2.37 -23.41 -10.75
CA SER A 200 3.19 -24.30 -9.95
C SER A 200 2.32 -25.37 -9.31
N THR A 201 1.74 -26.23 -10.15
CA THR A 201 0.87 -27.31 -9.68
C THR A 201 1.72 -28.52 -9.35
N THR A 202 1.20 -29.38 -8.45
CA THR A 202 1.86 -30.60 -8.04
C THR A 202 0.80 -31.67 -7.77
N ASP A 203 1.24 -32.86 -7.34
CA ASP A 203 0.39 -34.03 -7.21
C ASP A 203 -0.94 -33.67 -6.56
N LYS A 204 -2.04 -34.04 -7.24
CA LYS A 204 -3.40 -33.79 -6.77
C LYS A 204 -3.53 -32.32 -6.39
N ASP A 205 -3.72 -32.03 -5.10
CA ASP A 205 -3.84 -30.67 -4.60
C ASP A 205 -4.66 -29.85 -5.59
N GLU A 206 -4.13 -28.69 -6.02
CA GLU A 206 -4.76 -27.89 -7.06
C GLU A 206 -3.71 -26.98 -7.69
N LEU A 207 -4.16 -25.87 -8.31
CA LEU A 207 -3.31 -25.02 -9.11
C LEU A 207 -2.83 -23.82 -8.29
N TYR A 208 -1.54 -23.50 -8.45
CA TYR A 208 -0.96 -22.29 -7.88
C TYR A 208 -0.55 -21.36 -9.01
N LEU A 209 -0.87 -20.07 -8.87
CA LEU A 209 -0.39 -19.05 -9.78
C LEU A 209 0.77 -18.31 -9.12
N ASN A 210 1.92 -18.25 -9.82
CA ASN A 210 3.12 -17.64 -9.29
C ASN A 210 3.33 -16.30 -9.99
N LEU A 211 3.52 -15.24 -9.20
CA LEU A 211 3.81 -13.91 -9.68
C LEU A 211 5.25 -13.56 -9.32
N VAL A 212 6.13 -13.48 -10.32
CA VAL A 212 7.53 -13.21 -10.10
C VAL A 212 7.74 -11.69 -10.05
N LEU A 213 7.89 -11.14 -8.84
CA LEU A 213 8.07 -9.72 -8.65
C LEU A 213 9.53 -9.43 -8.33
N GLU A 214 9.93 -8.17 -8.53
CA GLU A 214 11.29 -7.71 -8.25
C GLU A 214 11.56 -7.79 -6.74
N PHE A 215 12.80 -8.11 -6.36
CA PHE A 215 13.13 -8.39 -4.98
C PHE A 215 13.47 -7.10 -4.23
N VAL A 216 12.55 -6.67 -3.38
CA VAL A 216 12.79 -5.58 -2.44
C VAL A 216 12.80 -6.18 -1.03
N PRO A 217 13.89 -6.02 -0.24
CA PRO A 217 14.06 -6.77 1.00
C PRO A 217 13.06 -6.35 2.09
N GLU A 218 13.25 -5.15 2.66
CA GLU A 218 12.54 -4.76 3.86
C GLU A 218 11.15 -4.28 3.50
N THR A 219 10.28 -4.23 4.53
CA THR A 219 9.00 -3.55 4.46
C THR A 219 8.99 -2.42 5.48
N VAL A 220 7.96 -1.57 5.42
CA VAL A 220 7.78 -0.53 6.41
C VAL A 220 7.58 -1.20 7.77
N TYR A 221 6.81 -2.30 7.78
CA TYR A 221 6.50 -3.01 9.01
C TYR A 221 7.80 -3.44 9.70
N LYS A 222 8.73 -4.01 8.93
CA LYS A 222 10.00 -4.46 9.47
C LYS A 222 10.79 -3.28 10.05
N VAL A 223 10.92 -2.20 9.26
CA VAL A 223 11.70 -1.03 9.65
C VAL A 223 11.11 -0.42 10.93
N SER A 224 9.79 -0.34 11.00
CA SER A 224 9.12 0.19 12.18
C SER A 224 9.44 -0.66 13.41
N LYS A 225 9.39 -2.00 13.25
CA LYS A 225 9.70 -2.91 14.33
C LYS A 225 11.13 -2.68 14.83
N GLN A 226 12.05 -2.38 13.91
CA GLN A 226 13.45 -2.16 14.27
C GLN A 226 13.58 -0.95 15.18
N TYR A 227 12.92 0.17 14.80
CA TYR A 227 12.98 1.40 15.57
C TYR A 227 12.27 1.23 16.91
N ILE A 228 11.19 0.43 16.92
CA ILE A 228 10.36 0.28 18.10
C ILE A 228 11.09 -0.57 19.13
N ARG A 229 11.86 -1.57 18.67
CA ARG A 229 12.50 -2.50 19.58
C ARG A 229 13.76 -1.86 20.20
N VAL A 230 14.20 -0.73 19.65
CA VAL A 230 15.24 0.07 20.29
C VAL A 230 14.60 1.23 21.05
N HIS A 231 13.26 1.24 21.11
CA HIS A 231 12.49 2.23 21.87
C HIS A 231 13.01 3.63 21.58
N GLN A 232 12.95 4.00 20.29
CA GLN A 232 13.46 5.28 19.81
C GLN A 232 12.80 5.54 18.46
N HIS A 233 12.28 6.76 18.29
CA HIS A 233 11.35 7.05 17.19
C HIS A 233 12.10 7.18 15.87
N MET A 234 11.33 7.07 14.78
CA MET A 234 11.86 6.94 13.43
C MET A 234 12.01 8.32 12.80
N PRO A 235 13.20 8.68 12.28
CA PRO A 235 13.45 10.04 11.77
C PRO A 235 12.41 10.51 10.77
N ILE A 236 12.08 11.80 10.84
CA ILE A 236 11.00 12.40 10.07
C ILE A 236 11.29 12.25 8.57
N ILE A 237 12.56 12.49 8.18
CA ILE A 237 12.98 12.38 6.79
C ILE A 237 12.40 11.10 6.17
N TYR A 238 12.53 9.98 6.89
CA TYR A 238 12.07 8.69 6.37
C TYR A 238 10.56 8.67 6.31
N VAL A 239 9.91 9.18 7.36
CA VAL A 239 8.46 9.24 7.41
C VAL A 239 7.98 9.99 6.18
N GLN A 240 8.60 11.13 5.90
CA GLN A 240 8.23 11.98 4.76
C GLN A 240 8.43 11.22 3.46
N LEU A 241 9.60 10.56 3.32
CA LEU A 241 9.93 9.87 2.08
C LEU A 241 8.91 8.77 1.79
N TYR A 242 8.66 7.92 2.79
CA TYR A 242 7.82 6.75 2.60
C TYR A 242 6.39 7.19 2.28
N ILE A 243 5.84 8.06 3.12
CA ILE A 243 4.45 8.50 2.99
C ILE A 243 4.27 9.23 1.66
N TYR A 244 5.26 10.04 1.28
CA TYR A 244 5.22 10.73 0.00
C TYR A 244 5.17 9.71 -1.13
N GLN A 245 6.00 8.67 -1.04
CA GLN A 245 6.13 7.68 -2.10
C GLN A 245 4.87 6.81 -2.18
N ILE A 246 4.20 6.59 -1.04
CA ILE A 246 2.91 5.93 -1.04
C ILE A 246 1.92 6.78 -1.83
N CYS A 247 1.78 8.04 -1.41
CA CYS A 247 0.81 8.96 -1.98
C CYS A 247 1.02 9.14 -3.48
N ARG A 248 2.29 9.14 -3.92
CA ARG A 248 2.59 9.26 -5.33
C ARG A 248 2.05 8.04 -6.06
N ALA A 249 2.41 6.84 -5.57
CA ALA A 249 1.95 5.59 -6.14
C ALA A 249 0.42 5.57 -6.16
N LEU A 250 -0.21 5.95 -5.04
CA LEU A 250 -1.67 5.97 -4.95
C LEU A 250 -2.25 6.88 -6.03
N ASN A 251 -1.64 8.04 -6.26
CA ASN A 251 -2.12 8.95 -7.28
C ASN A 251 -2.17 8.24 -8.63
N TYR A 252 -1.07 7.56 -8.98
CA TYR A 252 -0.96 6.85 -10.25
C TYR A 252 -2.02 5.76 -10.34
N LEU A 253 -2.23 5.02 -9.24
CA LEU A 253 -3.22 3.96 -9.22
C LEU A 253 -4.62 4.54 -9.42
N HIS A 254 -4.91 5.63 -8.70
CA HIS A 254 -6.26 6.17 -8.65
C HIS A 254 -6.63 6.86 -9.96
N GLN A 255 -5.65 7.52 -10.60
CA GLN A 255 -5.92 8.38 -11.75
C GLN A 255 -5.51 7.70 -13.05
N VAL A 256 -4.23 7.31 -13.13
CA VAL A 256 -3.67 6.75 -14.35
C VAL A 256 -4.32 5.39 -14.65
N ILE A 257 -4.31 4.49 -13.66
CA ILE A 257 -4.79 3.13 -13.85
C ILE A 257 -6.29 3.06 -13.54
N GLY A 258 -6.76 3.88 -12.59
CA GLY A 258 -8.16 3.92 -12.22
C GLY A 258 -8.53 2.82 -11.23
N VAL A 259 -7.58 2.43 -10.39
CA VAL A 259 -7.74 1.30 -9.48
C VAL A 259 -7.53 1.77 -8.04
N CYS A 260 -8.31 1.18 -7.13
CA CYS A 260 -8.18 1.41 -5.70
C CYS A 260 -7.49 0.20 -5.07
N HIS A 261 -6.36 0.43 -4.39
CA HIS A 261 -5.49 -0.62 -3.90
C HIS A 261 -6.19 -1.44 -2.82
N ARG A 262 -6.81 -0.73 -1.88
CA ARG A 262 -7.88 -1.25 -1.04
C ARG A 262 -7.34 -2.13 0.09
N ASP A 263 -6.03 -2.02 0.37
CA ASP A 263 -5.43 -2.67 1.53
C ASP A 263 -4.03 -2.11 1.75
N ILE A 264 -3.96 -0.80 2.02
CA ILE A 264 -2.70 -0.15 2.33
C ILE A 264 -2.34 -0.46 3.79
N LYS A 265 -1.29 -1.26 3.97
CA LYS A 265 -0.79 -1.60 5.30
C LYS A 265 0.73 -1.68 5.24
N PRO A 266 1.46 -1.47 6.36
CA PRO A 266 2.91 -1.44 6.36
C PRO A 266 3.60 -2.63 5.72
N GLN A 267 3.00 -3.82 5.86
CA GLN A 267 3.58 -5.06 5.37
C GLN A 267 3.51 -5.10 3.83
N ASN A 268 2.54 -4.36 3.26
CA ASN A 268 2.36 -4.29 1.82
C ASN A 268 3.16 -3.13 1.21
N LEU A 269 4.16 -2.63 1.94
CA LEU A 269 4.98 -1.51 1.47
C LEU A 269 6.45 -1.91 1.57
N LEU A 270 7.12 -2.11 0.42
CA LEU A 270 8.51 -2.53 0.44
C LEU A 270 9.40 -1.29 0.54
N VAL A 271 10.61 -1.49 1.11
CA VAL A 271 11.56 -0.43 1.34
C VAL A 271 12.96 -0.94 0.96
N ASN A 272 13.65 -0.18 0.11
CA ASN A 272 15.05 -0.40 -0.16
C ASN A 272 15.86 0.27 0.94
N PRO A 273 16.60 -0.48 1.79
CA PRO A 273 17.37 0.11 2.89
C PRO A 273 18.50 1.05 2.46
N GLN A 274 18.88 1.01 1.18
CA GLN A 274 19.95 1.85 0.67
C GLN A 274 19.36 3.16 0.15
N THR A 275 18.54 3.07 -0.91
CA THR A 275 18.01 4.25 -1.58
C THR A 275 16.87 4.85 -0.75
N HIS A 276 16.19 4.00 0.04
CA HIS A 276 14.99 4.37 0.78
C HIS A 276 13.83 4.61 -0.20
N GLN A 277 13.88 3.89 -1.33
CA GLN A 277 12.77 3.87 -2.28
C GLN A 277 11.73 2.88 -1.77
N LEU A 278 10.46 3.28 -1.84
CA LEU A 278 9.35 2.46 -1.39
C LEU A 278 8.51 2.06 -2.60
N LYS A 279 7.97 0.84 -2.57
CA LYS A 279 7.08 0.36 -3.61
C LYS A 279 5.90 -0.37 -2.97
N ILE A 280 4.70 -0.15 -3.53
CA ILE A 280 3.47 -0.76 -3.05
C ILE A 280 3.43 -2.20 -3.54
N CYS A 281 2.90 -3.09 -2.68
CA CYS A 281 2.96 -4.54 -2.88
C CYS A 281 1.55 -5.13 -2.87
N ASP A 282 1.44 -6.35 -3.41
CA ASP A 282 0.30 -7.22 -3.15
C ASP A 282 -1.01 -6.55 -3.55
N PHE A 283 -1.40 -6.71 -4.82
CA PHE A 283 -2.62 -6.10 -5.35
C PHE A 283 -3.76 -7.12 -5.32
N GLY A 284 -3.76 -8.02 -4.34
CA GLY A 284 -4.79 -9.04 -4.22
C GLY A 284 -6.18 -8.48 -3.95
N SER A 285 -6.23 -7.27 -3.36
CA SER A 285 -7.48 -6.67 -2.94
C SER A 285 -7.88 -5.52 -3.87
N ALA A 286 -7.01 -5.17 -4.82
CA ALA A 286 -7.21 -3.99 -5.64
C ALA A 286 -8.40 -4.18 -6.58
N LYS A 287 -9.08 -3.08 -6.90
CA LYS A 287 -10.27 -3.10 -7.74
C LYS A 287 -10.48 -1.72 -8.36
N MET A 288 -10.94 -1.72 -9.63
CA MET A 288 -11.41 -0.50 -10.27
C MET A 288 -12.81 -0.21 -9.76
N LEU A 289 -12.94 0.86 -8.96
CA LEU A 289 -14.19 1.20 -8.31
C LEU A 289 -15.13 1.87 -9.32
N VAL A 290 -16.28 1.25 -9.54
CA VAL A 290 -17.29 1.74 -10.47
C VAL A 290 -18.50 2.22 -9.67
N PRO A 291 -18.92 3.50 -9.78
CA PRO A 291 -20.18 3.96 -9.19
C PRO A 291 -21.37 3.19 -9.75
N GLY A 292 -22.29 2.82 -8.86
CA GLY A 292 -23.45 2.01 -9.23
C GLY A 292 -23.26 0.56 -8.84
N GLU A 293 -22.28 -0.10 -9.47
CA GLU A 293 -21.95 -1.50 -9.16
C GLU A 293 -21.41 -1.59 -7.74
N PRO A 294 -22.16 -2.21 -6.80
CA PRO A 294 -21.73 -2.28 -5.39
C PRO A 294 -20.46 -3.11 -5.22
N ASN A 295 -19.69 -2.78 -4.17
CA ASN A 295 -18.42 -3.42 -3.88
C ASN A 295 -18.56 -4.26 -2.62
N ILE A 296 -17.49 -4.97 -2.27
CA ILE A 296 -17.40 -5.70 -1.01
C ILE A 296 -17.19 -4.67 0.10
N SER A 297 -17.73 -4.94 1.30
CA SER A 297 -17.66 -4.01 2.41
C SER A 297 -16.42 -4.28 3.25
N ILE A 299 -12.92 -5.72 3.45
CA ILE A 299 -11.55 -5.55 2.87
C ILE A 299 -10.74 -4.60 3.76
N CYS A 300 -9.43 -4.59 3.50
CA CYS A 300 -8.48 -3.71 4.18
C CYS A 300 -8.24 -4.24 5.60
N SER A 301 -6.96 -4.39 5.97
CA SER A 301 -6.60 -4.77 7.32
C SER A 301 -7.29 -3.82 8.31
N ARG A 302 -7.74 -4.40 9.43
CA ARG A 302 -8.66 -3.74 10.33
C ARG A 302 -8.08 -2.42 10.83
N TYR A 303 -6.78 -2.41 11.17
CA TYR A 303 -6.15 -1.23 11.74
C TYR A 303 -6.26 -0.06 10.76
N TYR A 304 -6.15 -0.36 9.46
CA TYR A 304 -6.06 0.67 8.43
C TYR A 304 -7.39 0.81 7.69
N ARG A 305 -8.42 0.11 8.18
CA ARG A 305 -9.72 0.07 7.52
C ARG A 305 -10.44 1.38 7.73
N ALA A 306 -10.88 1.99 6.63
CA ALA A 306 -11.63 3.24 6.67
C ALA A 306 -13.01 2.98 7.28
N PRO A 307 -13.58 3.96 8.01
CA PRO A 307 -14.84 3.74 8.73
C PRO A 307 -16.09 3.68 7.85
N GLU A 308 -15.95 3.97 6.55
CA GLU A 308 -16.98 3.67 5.57
C GLU A 308 -17.24 2.17 5.57
N LEU A 309 -16.14 1.40 5.55
CA LEU A 309 -16.19 -0.05 5.46
C LEU A 309 -16.71 -0.63 6.76
N ILE A 310 -16.46 0.07 7.87
CA ILE A 310 -16.93 -0.35 9.19
C ILE A 310 -18.45 -0.20 9.26
N PHE A 311 -18.97 0.91 8.71
CA PHE A 311 -20.41 1.15 8.67
C PHE A 311 -21.03 0.55 7.41
N GLY A 312 -20.45 -0.56 6.91
CA GLY A 312 -21.09 -1.41 5.92
C GLY A 312 -21.41 -0.68 4.61
N ALA A 313 -20.48 0.18 4.16
CA ALA A 313 -20.63 0.88 2.90
C ALA A 313 -20.34 -0.08 1.75
N THR A 314 -20.77 0.31 0.54
CA THR A 314 -20.63 -0.51 -0.65
C THR A 314 -20.28 0.36 -1.85
N GLU A 315 -20.84 1.57 -1.91
CA GLU A 315 -20.39 2.60 -2.83
C GLU A 315 -19.40 3.52 -2.11
N TYR A 316 -18.10 3.20 -2.24
CA TYR A 316 -17.04 4.00 -1.62
C TYR A 316 -15.99 4.33 -2.67
N THR A 317 -15.23 5.40 -2.40
CA THR A 317 -14.30 5.96 -3.36
C THR A 317 -12.90 5.43 -3.08
N THR A 318 -11.88 6.06 -3.67
CA THR A 318 -10.49 5.78 -3.39
C THR A 318 -10.05 6.37 -2.05
N ALA A 319 -10.92 7.19 -1.44
CA ALA A 319 -10.63 7.83 -0.16
C ALA A 319 -10.23 6.81 0.89
N ILE A 320 -10.73 5.57 0.77
CA ILE A 320 -10.47 4.52 1.74
C ILE A 320 -8.97 4.28 1.89
N ASP A 321 -8.22 4.42 0.80
CA ASP A 321 -6.78 4.21 0.80
C ASP A 321 -6.09 5.40 1.47
N MET A 322 -6.69 6.59 1.36
CA MET A 322 -6.12 7.79 1.92
C MET A 322 -6.34 7.83 3.44
N TRP A 323 -7.38 7.12 3.91
CA TRP A 323 -7.53 6.87 5.33
C TRP A 323 -6.40 5.96 5.80
N SER A 324 -6.10 4.94 4.99
CA SER A 324 -5.10 3.94 5.34
C SER A 324 -3.72 4.57 5.48
N VAL A 325 -3.38 5.53 4.59
CA VAL A 325 -2.09 6.19 4.67
C VAL A 325 -2.09 7.13 5.88
N GLY A 326 -3.25 7.71 6.20
CA GLY A 326 -3.42 8.46 7.44
C GLY A 326 -3.02 7.63 8.66
N CYS A 327 -3.42 6.35 8.66
CA CYS A 327 -3.18 5.44 9.77
C CYS A 327 -1.73 4.95 9.78
N VAL A 328 -1.15 4.81 8.59
CA VAL A 328 0.25 4.41 8.47
C VAL A 328 1.14 5.55 8.98
N LEU A 329 0.85 6.76 8.52
CA LEU A 329 1.59 7.96 8.91
C LEU A 329 1.58 8.08 10.44
N ALA A 330 0.37 8.01 11.04
CA ALA A 330 0.22 8.01 12.48
C ALA A 330 1.11 6.95 13.11
N GLU A 331 1.10 5.75 12.54
CA GLU A 331 1.81 4.61 13.09
C GLU A 331 3.31 4.87 13.07
N LEU A 332 3.80 5.58 12.04
CA LEU A 332 5.22 5.88 11.93
C LEU A 332 5.62 6.92 12.96
N LEU A 333 4.72 7.89 13.23
CA LEU A 333 5.00 8.94 14.20
C LEU A 333 4.86 8.40 15.63
N LEU A 334 3.88 7.51 15.85
CA LEU A 334 3.56 7.04 17.19
C LEU A 334 4.39 5.82 17.57
N GLY A 335 4.90 5.09 16.56
CA GLY A 335 5.67 3.88 16.81
C GLY A 335 4.78 2.73 17.30
N HIS A 336 3.49 2.77 16.91
CA HIS A 336 2.53 1.73 17.26
C HIS A 336 1.23 2.01 16.51
N PRO A 337 0.39 0.99 16.25
CA PRO A 337 -0.88 1.20 15.54
C PRO A 337 -1.77 2.21 16.25
N LEU A 338 -2.28 3.18 15.49
CA LEU A 338 -3.14 4.23 16.01
C LEU A 338 -4.46 3.64 16.50
N PHE A 339 -5.07 2.78 15.66
CA PHE A 339 -6.36 2.18 15.95
C PHE A 339 -6.23 0.66 16.01
N PRO A 340 -5.63 0.09 17.09
CA PRO A 340 -5.46 -1.35 17.19
C PRO A 340 -6.74 -2.07 17.60
N GLY A 341 -7.65 -2.24 16.64
CA GLY A 341 -8.92 -2.90 16.89
C GLY A 341 -8.77 -4.41 17.01
N GLU A 342 -9.60 -5.02 17.87
CA GLU A 342 -9.63 -6.45 18.06
C GLU A 342 -10.63 -7.08 17.10
N SER A 343 -11.76 -6.39 16.91
CA SER A 343 -12.78 -6.80 15.97
C SER A 343 -13.44 -5.55 15.37
N GLY A 344 -14.31 -5.76 14.37
CA GLY A 344 -14.95 -4.66 13.66
C GLY A 344 -15.54 -3.62 14.60
N VAL A 345 -16.26 -4.09 15.64
CA VAL A 345 -16.94 -3.21 16.57
C VAL A 345 -15.91 -2.48 17.43
N ASP A 346 -14.86 -3.21 17.86
CA ASP A 346 -13.83 -2.65 18.72
C ASP A 346 -12.99 -1.65 17.93
N GLN A 347 -12.82 -1.92 16.62
CA GLN A 347 -12.10 -1.04 15.72
C GLN A 347 -12.85 0.29 15.58
N LEU A 348 -14.18 0.21 15.47
CA LEU A 348 -15.02 1.39 15.36
C LEU A 348 -14.79 2.28 16.58
N VAL A 349 -14.89 1.68 17.78
CA VAL A 349 -14.77 2.40 19.03
C VAL A 349 -13.39 3.06 19.12
N GLU A 350 -12.34 2.32 18.75
CA GLU A 350 -10.98 2.84 18.77
C GLU A 350 -10.88 4.13 17.95
N ILE A 351 -11.63 4.20 16.85
CA ILE A 351 -11.69 5.39 16.01
C ILE A 351 -12.44 6.49 16.74
N ILE A 352 -13.54 6.12 17.41
CA ILE A 352 -14.40 7.08 18.08
C ILE A 352 -13.64 7.73 19.24
N LYS A 353 -12.73 6.99 19.88
CA LYS A 353 -11.99 7.49 21.02
C LYS A 353 -11.16 8.72 20.64
N VAL A 354 -10.76 8.83 19.36
CA VAL A 354 -9.90 9.91 18.90
C VAL A 354 -10.73 10.95 18.16
N LEU A 355 -11.48 10.51 17.13
CA LEU A 355 -12.23 11.40 16.28
C LEU A 355 -13.49 11.90 16.97
N GLY A 356 -13.96 11.16 17.99
CA GLY A 356 -15.25 11.39 18.59
C GLY A 356 -16.34 10.61 17.85
N THR A 357 -17.59 10.80 18.28
CA THR A 357 -18.73 10.13 17.66
C THR A 357 -19.02 10.79 16.32
N PRO A 358 -19.29 10.00 15.25
CA PRO A 358 -19.69 10.57 13.96
C PRO A 358 -21.04 11.29 14.03
N THR A 359 -21.15 12.40 13.29
CA THR A 359 -22.43 13.09 13.12
C THR A 359 -23.28 12.30 12.14
N ARG A 360 -24.60 12.53 12.18
CA ARG A 360 -25.53 11.90 11.25
C ARG A 360 -25.21 12.34 9.82
N GLU A 361 -24.71 13.57 9.66
CA GLU A 361 -24.28 14.08 8.37
C GLU A 361 -23.05 13.30 7.89
N GLU A 362 -22.15 12.96 8.82
CA GLU A 362 -20.93 12.23 8.49
C GLU A 362 -21.28 10.79 8.11
N ILE A 363 -22.26 10.22 8.80
CA ILE A 363 -22.71 8.86 8.52
C ILE A 363 -23.42 8.82 7.16
N ARG A 364 -24.09 9.91 6.81
CA ARG A 364 -24.65 10.07 5.47
C ARG A 364 -23.53 9.89 4.45
N CYS A 365 -22.50 10.73 4.56
CA CYS A 365 -21.37 10.73 3.63
C CYS A 365 -20.76 9.34 3.53
N MET A 366 -20.64 8.66 4.68
CA MET A 366 -19.98 7.36 4.75
C MET A 366 -20.85 6.29 4.10
N ASN A 367 -22.10 6.17 4.57
CA ASN A 367 -23.04 5.20 4.05
C ASN A 367 -24.46 5.70 4.31
N PRO A 368 -25.15 6.31 3.31
CA PRO A 368 -26.51 6.82 3.50
C PRO A 368 -27.51 5.76 3.94
N HIS A 369 -27.32 4.52 3.47
CA HIS A 369 -28.27 3.44 3.72
C HIS A 369 -28.22 2.96 5.17
N TYR A 370 -27.13 3.25 5.88
CA TYR A 370 -26.90 2.72 7.22
C TYR A 370 -28.03 3.14 8.16
N ASN A 371 -28.42 4.43 8.10
CA ASN A 371 -29.45 5.00 8.97
C ASN A 371 -28.79 5.34 10.31
N GLU A 372 -29.57 5.33 11.40
CA GLU A 372 -29.11 5.82 12.70
C GLU A 372 -27.93 4.98 13.21
N PHE A 373 -27.17 5.58 14.14
CA PHE A 373 -26.08 4.92 14.83
C PHE A 373 -26.28 5.09 16.33
N LYS A 374 -26.76 4.04 17.01
CA LYS A 374 -27.03 4.08 18.44
C LYS A 374 -25.70 4.09 19.20
N PHE A 375 -25.32 5.27 19.71
CA PHE A 375 -24.07 5.44 20.42
C PHE A 375 -24.08 6.78 21.17
N PRO A 376 -23.50 6.88 22.38
CA PRO A 376 -23.40 8.15 23.09
C PRO A 376 -22.38 9.08 22.43
N GLN A 377 -22.45 10.38 22.75
CA GLN A 377 -21.69 11.40 22.05
C GLN A 377 -20.37 11.64 22.77
N ILE A 378 -19.34 10.87 22.37
CA ILE A 378 -18.00 11.03 22.93
C ILE A 378 -17.32 12.19 22.21
N LYS A 379 -16.76 13.12 22.99
CA LYS A 379 -16.05 14.26 22.45
C LYS A 379 -14.69 13.80 21.91
N ALA A 380 -14.23 14.46 20.85
CA ALA A 380 -13.00 14.09 20.17
C ALA A 380 -11.80 14.43 21.05
N HIS A 381 -10.86 13.47 21.15
CA HIS A 381 -9.60 13.66 21.84
C HIS A 381 -8.63 14.35 20.86
N PRO A 382 -8.39 15.68 21.00
CA PRO A 382 -7.75 16.46 19.93
C PRO A 382 -6.40 15.92 19.46
N TRP A 383 -6.13 16.09 18.16
CA TRP A 383 -4.92 15.60 17.51
C TRP A 383 -3.68 16.07 18.27
N HIS A 384 -3.75 17.30 18.80
CA HIS A 384 -2.67 17.92 19.54
C HIS A 384 -2.20 17.00 20.68
N LYS A 385 -3.17 16.36 21.35
CA LYS A 385 -2.90 15.52 22.51
C LYS A 385 -2.78 14.05 22.11
N VAL A 386 -2.86 13.75 20.81
CA VAL A 386 -2.63 12.40 20.31
C VAL A 386 -1.14 12.21 20.05
N PHE A 387 -0.45 13.27 19.60
CA PHE A 387 0.96 13.20 19.23
C PHE A 387 1.79 14.04 20.20
N TYR A 388 3.13 13.97 20.03
CA TYR A 388 4.06 14.77 20.80
C TYR A 388 3.90 16.25 20.47
N LYS A 389 4.43 17.10 21.36
CA LYS A 389 4.64 18.51 21.06
C LYS A 389 5.75 18.61 20.01
N ARG A 390 6.73 17.70 20.11
CA ARG A 390 7.81 17.56 19.14
C ARG A 390 7.25 17.47 17.72
N MET A 391 6.31 16.54 17.50
CA MET A 391 5.87 16.17 16.17
C MET A 391 5.52 17.41 15.36
N PRO A 392 6.05 17.58 14.13
CA PRO A 392 5.82 18.79 13.34
C PRO A 392 4.34 19.05 13.11
N PRO A 393 3.87 20.33 13.21
CA PRO A 393 2.49 20.67 12.90
C PRO A 393 2.02 20.12 11.55
N GLU A 394 2.91 20.17 10.56
CA GLU A 394 2.62 19.75 9.20
C GLU A 394 2.19 18.27 9.21
N ALA A 395 2.84 17.47 10.06
CA ALA A 395 2.51 16.06 10.18
C ALA A 395 1.09 15.88 10.71
N VAL A 396 0.79 16.58 11.81
CA VAL A 396 -0.51 16.47 12.47
C VAL A 396 -1.60 17.01 11.54
N ASP A 397 -1.28 18.09 10.81
CA ASP A 397 -2.22 18.70 9.88
C ASP A 397 -2.62 17.67 8.82
N LEU A 398 -1.63 16.97 8.26
CA LEU A 398 -1.84 15.97 7.24
C LEU A 398 -2.64 14.80 7.81
N VAL A 399 -2.20 14.28 8.96
CA VAL A 399 -2.86 13.15 9.61
C VAL A 399 -4.35 13.46 9.78
N SER A 400 -4.67 14.68 10.21
CA SER A 400 -6.04 15.07 10.49
C SER A 400 -6.87 15.15 9.21
N ARG A 401 -6.26 15.64 8.12
CA ARG A 401 -6.94 15.80 6.85
C ARG A 401 -7.20 14.43 6.22
N LEU A 402 -6.28 13.49 6.45
CA LEU A 402 -6.41 12.13 5.96
C LEU A 402 -7.42 11.34 6.80
N LEU A 403 -7.41 11.55 8.12
CA LEU A 403 -8.29 10.83 9.02
C LEU A 403 -9.52 11.67 9.35
N GLN A 404 -10.46 11.72 8.39
CA GLN A 404 -11.78 12.29 8.61
C GLN A 404 -12.84 11.24 8.29
N TYR A 405 -14.05 11.43 8.85
CA TYR A 405 -15.15 10.53 8.62
C TYR A 405 -15.64 10.68 7.18
N SER A 406 -16.08 11.90 6.83
CA SER A 406 -16.60 12.17 5.50
C SER A 406 -15.49 12.04 4.47
N PRO A 407 -15.56 11.02 3.56
CA PRO A 407 -14.48 10.75 2.61
C PRO A 407 -14.18 11.86 1.60
N ASN A 408 -15.18 12.72 1.35
CA ASN A 408 -15.05 13.80 0.39
C ASN A 408 -14.15 14.89 0.95
N LEU A 409 -14.23 15.12 2.25
CA LEU A 409 -13.41 16.12 2.93
C LEU A 409 -11.99 15.58 3.10
N ARG A 410 -11.80 14.29 2.85
CA ARG A 410 -10.51 13.63 2.97
C ARG A 410 -9.61 14.08 1.81
N CYS A 411 -8.29 14.03 2.02
CA CYS A 411 -7.33 14.47 1.02
C CYS A 411 -7.25 13.47 -0.12
N THR A 412 -6.74 13.95 -1.26
CA THR A 412 -6.41 13.10 -2.40
C THR A 412 -4.91 12.82 -2.40
N ALA A 413 -4.52 11.74 -3.08
CA ALA A 413 -3.16 11.24 -3.06
C ALA A 413 -2.20 12.33 -3.52
N LEU A 414 -2.52 12.96 -4.66
CA LEU A 414 -1.62 13.93 -5.27
C LEU A 414 -1.58 15.21 -4.45
N ALA A 415 -2.73 15.62 -3.91
CA ALA A 415 -2.82 16.78 -3.05
C ALA A 415 -1.93 16.61 -1.83
N ALA A 416 -1.99 15.41 -1.23
CA ALA A 416 -1.17 15.06 -0.09
C ALA A 416 0.30 15.25 -0.41
N CYS A 417 0.72 14.74 -1.58
CA CYS A 417 2.09 14.87 -2.05
C CYS A 417 2.56 16.33 -2.02
N ALA A 418 1.62 17.26 -2.25
CA ALA A 418 1.93 18.68 -2.32
C ALA A 418 1.76 19.35 -0.96
N HIS A 419 1.54 18.55 0.10
CA HIS A 419 1.28 19.10 1.43
C HIS A 419 2.57 19.72 1.95
N PRO A 420 2.47 20.80 2.78
CA PRO A 420 3.65 21.41 3.42
C PRO A 420 4.59 20.45 4.14
N PHE A 421 4.07 19.30 4.59
CA PHE A 421 4.85 18.32 5.31
C PHE A 421 5.98 17.78 4.45
N PHE A 422 5.80 17.80 3.12
CA PHE A 422 6.82 17.33 2.20
C PHE A 422 7.54 18.50 1.53
N ASN A 423 7.71 19.62 2.26
CA ASN A 423 8.54 20.72 1.80
C ASN A 423 10.01 20.31 1.88
N ASP A 424 10.38 19.65 3.00
CA ASP A 424 11.74 19.20 3.24
C ASP A 424 12.28 18.44 2.03
N LEU A 425 11.45 17.55 1.47
CA LEU A 425 11.85 16.69 0.37
C LEU A 425 12.14 17.50 -0.89
N ARG A 426 11.49 18.67 -1.01
CA ARG A 426 11.59 19.51 -2.20
C ARG A 426 12.73 20.53 -2.06
N ASP A 427 13.51 20.44 -0.98
CA ASP A 427 14.66 21.30 -0.80
C ASP A 427 15.74 20.89 -1.80
N PRO A 428 16.37 21.85 -2.52
CA PRO A 428 17.49 21.54 -3.42
C PRO A 428 18.70 20.85 -2.77
N ASN A 429 18.89 21.05 -1.47
CA ASN A 429 20.07 20.54 -0.78
C ASN A 429 19.72 19.29 0.03
N ALA A 430 18.52 18.74 -0.21
CA ALA A 430 17.99 17.65 0.60
C ALA A 430 18.69 16.35 0.26
N SER A 431 18.98 15.54 1.28
CA SER A 431 19.70 14.29 1.12
C SER A 431 19.28 13.30 2.20
N LEU A 432 19.66 12.03 2.00
CA LEU A 432 19.51 11.03 3.05
C LEU A 432 20.49 11.39 4.17
N PRO A 433 20.24 10.96 5.44
CA PRO A 433 21.10 11.34 6.56
C PRO A 433 22.55 10.88 6.43
N ASN A 434 22.83 9.94 5.51
CA ASN A 434 24.18 9.47 5.26
C ASN A 434 24.79 10.20 4.07
N GLY A 435 24.17 11.31 3.65
CA GLY A 435 24.73 12.16 2.60
C GLY A 435 24.20 11.80 1.22
N GLN A 436 23.82 10.53 1.01
CA GLN A 436 23.36 10.05 -0.27
C GLN A 436 22.06 10.76 -0.65
N PRO A 437 21.75 10.91 -1.97
CA PRO A 437 20.59 11.67 -2.41
C PRO A 437 19.28 10.93 -2.16
N LEU A 438 18.18 11.68 -2.20
CA LEU A 438 16.84 11.11 -2.05
C LEU A 438 16.51 10.31 -3.32
N PRO A 439 15.61 9.30 -3.24
CA PRO A 439 15.14 8.59 -4.43
C PRO A 439 14.47 9.48 -5.46
N PRO A 440 14.02 8.92 -6.62
CA PRO A 440 13.15 9.66 -7.54
C PRO A 440 11.84 10.07 -6.88
N LEU A 441 11.55 11.38 -6.91
CA LEU A 441 10.42 11.96 -6.20
C LEU A 441 9.55 12.80 -7.15
N PHE A 442 10.20 13.61 -7.99
CA PHE A 442 9.51 14.65 -8.75
C PHE A 442 9.57 14.39 -10.25
N ASN A 443 10.02 13.17 -10.64
CA ASN A 443 10.17 12.81 -12.03
C ASN A 443 8.82 12.32 -12.56
N PHE A 444 7.83 13.22 -12.55
CA PHE A 444 6.45 12.86 -12.92
C PHE A 444 6.35 12.68 -14.43
N THR A 445 5.50 11.72 -14.83
CA THR A 445 5.10 11.55 -16.22
C THR A 445 3.90 12.46 -16.46
N PRO A 446 3.65 12.95 -17.69
CA PRO A 446 2.54 13.88 -17.95
C PRO A 446 1.17 13.30 -17.59
N GLU A 447 1.01 11.98 -17.77
CA GLU A 447 -0.22 11.30 -17.40
C GLU A 447 -0.37 11.28 -15.88
N GLU A 448 0.76 11.24 -15.18
CA GLU A 448 0.77 11.27 -13.72
C GLU A 448 0.17 12.59 -13.24
N LEU A 449 0.41 13.68 -14.00
CA LEU A 449 -0.01 15.02 -13.63
C LEU A 449 -1.24 15.47 -14.41
N ALA A 450 -1.94 14.52 -15.05
CA ALA A 450 -3.14 14.84 -15.81
C ALA A 450 -4.24 15.39 -14.89
N HIS A 451 -4.09 15.16 -13.57
CA HIS A 451 -4.88 15.85 -12.57
C HIS A 451 -4.62 17.35 -12.71
N ALA A 452 -5.63 18.07 -13.20
CA ALA A 452 -5.47 19.36 -13.86
C ALA A 452 -4.58 20.31 -13.06
N PRO A 453 -4.99 20.73 -11.83
CA PRO A 453 -4.61 22.04 -11.28
C PRO A 453 -3.14 22.43 -11.48
N ASP A 454 -2.92 23.63 -12.04
CA ASP A 454 -1.58 24.17 -12.21
C ASP A 454 -1.02 24.59 -10.85
N GLU A 455 -1.88 25.15 -10.00
CA GLU A 455 -1.55 25.41 -8.61
C GLU A 455 -0.79 24.23 -8.03
N LEU A 456 -1.42 23.05 -8.11
CA LEU A 456 -0.86 21.82 -7.57
C LEU A 456 0.47 21.52 -8.24
N ARG A 457 0.48 21.52 -9.58
CA ARG A 457 1.67 21.21 -10.36
C ARG A 457 2.87 22.02 -9.85
N LEU A 458 2.67 23.32 -9.65
CA LEU A 458 3.76 24.23 -9.33
C LEU A 458 4.37 23.88 -7.97
N ARG A 459 3.52 23.67 -6.96
CA ARG A 459 3.97 23.25 -5.65
C ARG A 459 4.60 21.86 -5.72
N LEU A 460 4.11 21.03 -6.66
CA LEU A 460 4.44 19.62 -6.70
C LEU A 460 5.87 19.43 -7.19
N ILE A 461 6.19 19.99 -8.36
CA ILE A 461 7.55 19.94 -8.89
C ILE A 461 8.31 21.16 -8.42
N PRO A 462 9.49 21.00 -7.78
CA PRO A 462 10.27 22.14 -7.31
C PRO A 462 10.93 22.92 -8.45
N GLU A 463 11.70 23.95 -8.09
CA GLU A 463 12.36 24.81 -9.06
C GLU A 463 13.36 24.01 -9.90
N HIS A 464 14.13 23.15 -9.22
CA HIS A 464 15.08 22.27 -9.89
C HIS A 464 14.32 21.12 -10.58
#